data_3V52
#
_entry.id   3V52
#
_cell.length_a   193.524
_cell.length_b   40.423
_cell.length_c   59.265
_cell.angle_alpha   90.00
_cell.angle_beta   102.74
_cell.angle_gamma   90.00
#
_symmetry.space_group_name_H-M   'C 1 2 1'
#
loop_
_entity.id
_entity.type
_entity.pdbx_description
1 polymer 'ANTI-MHC-I MONOCLONAL ANTIBODY, 64-3-7 H CHAIN'
2 polymer 'ANTI-MHC-I MONOCLONAL ANTIBODY, 64-3-7 L CHAIN'
3 polymer 'H-2 class I histocompatibility antigen, L-D alpha chain'
4 non-polymer 1,2-ETHANEDIOL
5 water water
#
loop_
_entity_poly.entity_id
_entity_poly.type
_entity_poly.pdbx_seq_one_letter_code
_entity_poly.pdbx_strand_id
1 'polypeptide(L)'
;EVKLVESEGGLVQPGSSMKLSCTASGFTFSDYYMAWVRQVPEKGLEWVANINYDGSSTYYLDSLKGRFIISRDIAKNILY
LQMSSLRCEDTATYYCARLTNGYLDVWGAGTTVTVSSAKTTPPSVYPLAPGCGDTTGSSVTLGCLVKGYFPESVTVTWNS
GSLSSSVHTFPALLESGLYTMSSSVTVPSSTWPSQTVTCSVAHPASSTTVDKKLEP
;
H
2 'polypeptide(L)'
;DVVMTQTPLSLPVSLGDQASISCRSSQSLVHSNGNTYLHWYLQKPGQSPNLLIYKVSNRFSGVPDRFSGSGSGTDFTLKI
SRVEAEDLGVYFCSQSTHVPTFGGGTKLEIKRADAAPTVSIFPPSSEQLTSGGASVVCFLNNFYPKDINVKWKIDGSERQ
NGVLNSWTDQDSKDSTYSMSSTLTLTKDEYERHNSYTCEATHKTSTSPIVKSFNRNEC
;
L
3 'polypeptide(L)' EPQAPWME P
#
loop_
_chem_comp.id
_chem_comp.type
_chem_comp.name
_chem_comp.formula
EDO non-polymer 1,2-ETHANEDIOL 'C2 H6 O2'
#
# COMPACT_ATOMS: atom_id res chain seq x y z
N VAL A 2 1.18 -14.41 17.38
CA VAL A 2 -0.20 -14.03 17.09
C VAL A 2 -0.54 -12.63 17.59
N LYS A 3 -0.53 -11.68 16.67
CA LYS A 3 -1.09 -10.33 16.87
C LYS A 3 -0.36 -9.27 17.71
N LEU A 4 0.00 -8.21 17.01
CA LEU A 4 0.45 -6.97 17.60
C LEU A 4 -0.44 -5.92 16.96
N VAL A 5 -1.00 -5.01 17.76
CA VAL A 5 -1.88 -3.98 17.20
C VAL A 5 -1.39 -2.60 17.61
N GLU A 6 -1.01 -1.79 16.63
CA GLU A 6 -0.52 -0.45 16.88
C GLU A 6 -1.67 0.51 17.18
N SER A 7 -1.40 1.54 17.96
CA SER A 7 -2.36 2.61 18.21
C SER A 7 -2.59 3.38 16.92
N GLU A 8 -3.62 4.22 16.92
CA GLU A 8 -3.86 5.12 15.80
C GLU A 8 -2.69 6.09 15.74
N GLY A 9 -2.17 6.35 14.55
CA GLY A 9 -1.07 7.29 14.45
C GLY A 9 -1.59 8.67 14.14
N GLY A 10 -1.50 9.06 12.88
CA GLY A 10 -2.12 10.29 12.42
C GLY A 10 -1.19 11.48 12.29
N LEU A 11 -1.81 12.65 12.33
CA LEU A 11 -1.16 13.91 12.02
C LEU A 11 -0.51 14.56 13.25
N VAL A 12 0.75 15.00 13.09
CA VAL A 12 1.43 15.80 14.11
C VAL A 12 2.16 16.98 13.49
N GLN A 13 2.16 18.12 14.18
CA GLN A 13 2.87 19.30 13.71
C GLN A 13 4.38 19.09 13.82
N PRO A 14 5.14 19.59 12.83
CA PRO A 14 6.61 19.61 12.90
C PRO A 14 7.10 20.25 14.19
N GLY A 15 8.05 19.62 14.86
CA GLY A 15 8.58 20.13 16.11
C GLY A 15 7.84 19.65 17.36
N SER A 16 6.66 19.08 17.15
CA SER A 16 5.86 18.57 18.27
C SER A 16 6.16 17.10 18.56
N SER A 17 5.45 16.52 19.52
CA SER A 17 5.68 15.16 19.95
C SER A 17 4.44 14.27 19.82
N MET A 18 4.67 12.96 19.79
CA MET A 18 3.57 11.99 19.78
C MET A 18 4.07 10.64 20.26
N LYS A 19 3.14 9.83 20.76
CA LYS A 19 3.50 8.51 21.28
C LYS A 19 2.65 7.44 20.64
N LEU A 20 3.30 6.43 20.06
CA LEU A 20 2.61 5.27 19.55
C LEU A 20 2.61 4.19 20.62
N SER A 21 1.57 3.36 20.63
CA SER A 21 1.60 2.19 21.49
C SER A 21 1.31 0.96 20.64
N CYS A 22 1.59 -0.20 21.21
CA CYS A 22 1.39 -1.46 20.52
C CYS A 22 1.00 -2.50 21.55
N THR A 23 -0.12 -3.18 21.34
CA THR A 23 -0.62 -4.11 22.35
C THR A 23 -0.33 -5.56 21.95
N ALA A 24 0.41 -6.26 22.81
CA ALA A 24 0.80 -7.63 22.53
C ALA A 24 -0.14 -8.63 23.19
N SER A 25 -0.36 -9.75 22.50
CA SER A 25 -1.24 -10.81 23.00
C SER A 25 -0.77 -12.17 22.50
N GLY A 26 -1.07 -13.24 23.26
CA GLY A 26 -0.80 -14.58 22.79
C GLY A 26 0.54 -15.20 23.19
N PHE A 27 1.44 -14.39 23.72
CA PHE A 27 2.73 -14.91 24.18
C PHE A 27 3.12 -14.26 25.51
N THR A 28 4.09 -14.84 26.21
CA THR A 28 4.62 -14.13 27.37
C THR A 28 5.54 -13.00 26.90
N PHE A 29 4.98 -11.80 26.97
CA PHE A 29 5.58 -10.56 26.48
C PHE A 29 7.03 -10.39 26.91
N SER A 30 7.32 -10.71 28.17
CA SER A 30 8.67 -10.51 28.70
C SER A 30 9.61 -11.67 28.34
N ASP A 31 9.14 -12.58 27.51
CA ASP A 31 10.00 -13.66 27.01
C ASP A 31 10.52 -13.32 25.61
N TYR A 32 10.18 -12.12 25.13
CA TYR A 32 10.62 -11.67 23.80
C TYR A 32 11.07 -10.21 23.79
N TYR A 33 12.17 -9.96 23.08
CA TYR A 33 12.52 -8.62 22.59
C TYR A 33 11.41 -8.10 21.68
N MET A 34 11.32 -6.78 21.56
CA MET A 34 10.37 -6.14 20.66
C MET A 34 11.08 -5.03 19.88
N ALA A 35 10.53 -4.64 18.73
CA ALA A 35 11.16 -3.65 17.89
C ALA A 35 10.14 -2.74 17.22
N TRP A 36 10.58 -1.58 16.75
CA TRP A 36 9.79 -0.75 15.85
C TRP A 36 10.57 -0.62 14.55
N VAL A 37 9.85 -0.70 13.42
CA VAL A 37 10.42 -0.54 12.10
C VAL A 37 9.51 0.45 11.36
N ARG A 38 10.07 1.26 10.47
CA ARG A 38 9.23 2.17 9.70
C ARG A 38 9.43 2.03 8.20
N GLN A 39 8.37 2.35 7.46
CA GLN A 39 8.40 2.25 6.00
C GLN A 39 7.87 3.54 5.36
N VAL A 40 8.68 4.15 4.52
CA VAL A 40 8.23 5.26 3.66
C VAL A 40 8.14 4.75 2.25
N PRO A 41 7.03 5.04 1.53
CA PRO A 41 7.13 4.89 0.08
C PRO A 41 8.28 5.69 -0.55
N GLU A 42 8.80 5.15 -1.66
CA GLU A 42 9.95 5.70 -2.38
C GLU A 42 11.34 5.79 -1.69
N LYS A 43 11.74 4.88 -0.80
CA LYS A 43 11.05 3.65 -0.40
C LYS A 43 11.93 3.10 0.72
N GLY A 44 11.62 1.91 1.20
CA GLY A 44 12.55 1.23 2.06
C GLY A 44 12.14 1.12 3.51
N LEU A 45 12.38 -0.05 4.06
CA LEU A 45 12.18 -0.31 5.47
C LEU A 45 13.42 0.15 6.24
N GLU A 46 13.17 0.72 7.41
CA GLU A 46 14.24 1.22 8.27
C GLU A 46 14.00 0.78 9.71
N TRP A 47 15.04 0.20 10.34
CA TRP A 47 14.93 -0.25 11.72
C TRP A 47 14.97 1.02 12.58
N VAL A 48 14.04 1.12 13.52
CA VAL A 48 13.94 2.32 14.35
C VAL A 48 14.50 2.10 15.74
N ALA A 49 14.05 1.04 16.40
CA ALA A 49 14.46 0.80 17.77
C ALA A 49 14.14 -0.62 18.20
N ASN A 50 14.84 -1.13 19.20
CA ASN A 50 14.38 -2.36 19.85
C ASN A 50 14.72 -2.37 21.32
N ILE A 51 14.17 -3.33 22.03
CA ILE A 51 14.23 -3.35 23.48
C ILE A 51 14.30 -4.79 23.96
N ASN A 52 15.08 -5.05 25.01
CA ASN A 52 15.16 -6.40 25.56
C ASN A 52 13.97 -6.76 26.44
N TYR A 53 14.00 -7.96 27.01
CA TYR A 53 12.87 -8.52 27.75
C TYR A 53 12.25 -7.60 28.80
N ASP A 54 13.10 -7.03 29.65
CA ASP A 54 12.62 -6.25 30.79
C ASP A 54 12.81 -4.76 30.56
N GLY A 55 13.38 -4.39 29.43
CA GLY A 55 13.53 -2.99 29.07
C GLY A 55 14.78 -2.32 29.61
N SER A 56 15.73 -3.12 30.10
CA SER A 56 16.97 -2.58 30.66
C SER A 56 18.01 -2.22 29.60
N SER A 57 17.78 -2.68 28.37
CA SER A 57 18.70 -2.38 27.29
C SER A 57 17.94 -2.08 26.01
N THR A 58 18.26 -0.95 25.36
CA THR A 58 17.59 -0.55 24.14
C THR A 58 18.59 -0.29 23.02
N TYR A 59 18.13 -0.35 21.79
CA TYR A 59 18.92 0.07 20.62
C TYR A 59 18.09 1.07 19.85
N TYR A 60 18.74 2.11 19.33
CA TYR A 60 18.07 3.10 18.50
C TYR A 60 18.88 3.37 17.24
N LEU A 61 18.15 3.60 16.14
CA LEU A 61 18.78 4.14 14.92
C LEU A 61 19.51 5.43 15.30
N ASP A 62 20.80 5.49 14.97
CA ASP A 62 21.64 6.56 15.44
C ASP A 62 21.14 7.95 15.07
N SER A 63 20.65 8.10 13.84
CA SER A 63 20.27 9.40 13.31
C SER A 63 19.09 10.03 14.07
N LEU A 64 18.38 9.23 14.87
CA LEU A 64 17.28 9.74 15.68
C LEU A 64 17.77 10.66 16.81
N LYS A 65 19.07 10.61 17.11
CA LYS A 65 19.67 11.44 18.15
C LYS A 65 18.91 11.44 19.49
N GLY A 66 18.37 10.28 19.86
CA GLY A 66 17.74 10.08 21.15
C GLY A 66 16.38 10.75 21.27
N ARG A 67 15.83 11.17 20.14
CA ARG A 67 14.52 11.83 20.08
C ARG A 67 13.40 10.83 20.30
N PHE A 68 13.70 9.56 20.07
CA PHE A 68 12.72 8.48 20.18
C PHE A 68 13.01 7.67 21.44
N ILE A 69 11.97 7.25 22.14
CA ILE A 69 12.14 6.35 23.28
C ILE A 69 11.28 5.11 23.14
N ILE A 70 11.90 3.93 23.16
CA ILE A 70 11.15 2.68 23.19
C ILE A 70 11.07 2.20 24.64
N SER A 71 9.88 1.78 25.07
CA SER A 71 9.70 1.27 26.42
C SER A 71 8.56 0.27 26.41
N ARG A 72 8.45 -0.52 27.47
CA ARG A 72 7.40 -1.53 27.51
C ARG A 72 6.78 -1.63 28.90
N ASP A 73 5.46 -1.68 28.95
CA ASP A 73 4.77 -1.92 30.21
C ASP A 73 4.48 -3.42 30.32
N ILE A 74 5.35 -4.11 31.04
CA ILE A 74 5.25 -5.55 31.24
C ILE A 74 3.93 -5.94 31.92
N ALA A 75 3.41 -5.05 32.77
CA ALA A 75 2.16 -5.32 33.47
C ALA A 75 0.91 -5.21 32.59
N LYS A 76 1.04 -4.57 31.43
CA LYS A 76 -0.11 -4.36 30.54
C LYS A 76 0.09 -4.90 29.12
N ASN A 77 1.22 -5.57 28.89
CA ASN A 77 1.57 -6.10 27.58
C ASN A 77 1.57 -5.03 26.49
N ILE A 78 2.11 -3.87 26.82
CA ILE A 78 2.15 -2.74 25.89
C ILE A 78 3.58 -2.27 25.57
N LEU A 79 3.85 -2.06 24.27
CA LEU A 79 5.10 -1.47 23.80
C LEU A 79 4.83 -0.03 23.38
N TYR A 80 5.70 0.90 23.78
CA TYR A 80 5.55 2.31 23.40
C TYR A 80 6.69 2.79 22.50
N LEU A 81 6.40 3.79 21.66
CA LEU A 81 7.45 4.57 21.00
C LEU A 81 7.13 6.04 21.21
N GLN A 82 7.85 6.67 22.12
CA GLN A 82 7.74 8.10 22.30
C GLN A 82 8.56 8.80 21.22
N MET A 83 7.94 9.71 20.48
CA MET A 83 8.65 10.45 19.44
C MET A 83 8.61 11.96 19.74
N SER A 84 9.79 12.57 19.84
CA SER A 84 9.89 13.99 20.18
C SER A 84 10.44 14.82 19.03
N SER A 85 10.12 16.12 19.02
CA SER A 85 10.65 17.06 18.03
C SER A 85 10.60 16.54 16.59
N LEU A 86 9.40 16.25 16.10
CA LEU A 86 9.24 15.58 14.82
C LEU A 86 9.56 16.47 13.62
N ARG A 87 10.17 15.88 12.60
CA ARG A 87 10.37 16.57 11.32
C ARG A 87 9.65 15.77 10.24
N CYS A 88 9.53 16.35 9.05
CA CYS A 88 8.82 15.71 7.96
C CYS A 88 9.45 14.37 7.57
N GLU A 89 10.75 14.24 7.84
CA GLU A 89 11.51 13.03 7.57
C GLU A 89 11.05 11.83 8.41
N ASP A 90 10.25 12.10 9.44
CA ASP A 90 9.73 11.04 10.30
C ASP A 90 8.35 10.53 9.86
N THR A 91 7.77 11.20 8.87
CA THR A 91 6.54 10.73 8.24
C THR A 91 6.77 9.34 7.66
N ALA A 92 5.95 8.37 8.08
CA ALA A 92 6.13 6.98 7.66
C ALA A 92 5.03 6.09 8.22
N THR A 93 4.97 4.84 7.74
CA THR A 93 4.20 3.80 8.41
C THR A 93 5.09 3.11 9.43
N TYR A 94 4.64 3.10 10.68
CA TYR A 94 5.40 2.49 11.76
C TYR A 94 4.82 1.14 12.11
N TYR A 95 5.68 0.12 12.15
CA TYR A 95 5.27 -1.24 12.50
C TYR A 95 5.85 -1.66 13.84
N CYS A 96 4.98 -2.16 14.72
CA CYS A 96 5.40 -2.89 15.90
C CYS A 96 5.77 -4.33 15.48
N ALA A 97 6.85 -4.88 16.02
CA ALA A 97 7.28 -6.24 15.67
C ALA A 97 7.89 -7.01 16.84
N ARG A 98 7.67 -8.32 16.88
CA ARG A 98 8.32 -9.16 17.88
C ARG A 98 9.68 -9.62 17.33
N LEU A 99 10.71 -9.53 18.16
CA LEU A 99 12.08 -9.85 17.73
C LEU A 99 12.59 -11.10 18.42
N THR A 100 12.99 -12.09 17.62
CA THR A 100 13.51 -13.36 18.12
C THR A 100 14.78 -13.73 17.38
N ASN A 101 15.89 -13.92 18.12
CA ASN A 101 17.15 -14.36 17.52
C ASN A 101 17.56 -13.56 16.27
N GLY A 102 17.29 -12.26 16.32
CA GLY A 102 17.72 -11.37 15.25
C GLY A 102 16.70 -11.14 14.15
N TYR A 103 15.59 -11.90 14.18
CA TYR A 103 14.59 -11.73 13.14
C TYR A 103 13.22 -11.32 13.69
N LEU A 104 12.41 -10.71 12.82
CA LEU A 104 11.11 -10.19 13.25
C LEU A 104 10.03 -11.19 12.84
N ASP A 105 9.56 -11.99 13.80
CA ASP A 105 8.69 -13.12 13.47
C ASP A 105 7.19 -12.83 13.59
N VAL A 106 6.83 -11.71 14.20
CA VAL A 106 5.44 -11.26 14.20
C VAL A 106 5.44 -9.75 13.91
N TRP A 107 4.59 -9.30 13.01
CA TRP A 107 4.51 -7.88 12.69
C TRP A 107 3.10 -7.36 12.95
N GLY A 108 3.00 -6.11 13.40
CA GLY A 108 1.71 -5.45 13.50
C GLY A 108 1.17 -5.02 12.16
N ALA A 109 -0.02 -4.42 12.16
CA ALA A 109 -0.67 -3.99 10.92
C ALA A 109 -0.05 -2.71 10.37
N GLY A 110 0.67 -2.01 11.24
CA GLY A 110 1.25 -0.75 10.86
C GLY A 110 0.34 0.42 11.15
N THR A 111 0.92 1.56 11.50
CA THR A 111 0.15 2.78 11.67
C THR A 111 0.92 3.95 11.06
N THR A 112 0.22 4.80 10.33
CA THR A 112 0.89 5.91 9.63
C THR A 112 0.98 7.15 10.51
N VAL A 113 2.15 7.78 10.48
CA VAL A 113 2.36 9.05 11.16
C VAL A 113 2.72 10.06 10.09
N THR A 114 2.02 11.19 10.09
CA THR A 114 2.26 12.26 9.13
C THR A 114 2.68 13.52 9.86
N VAL A 115 3.87 14.02 9.54
CA VAL A 115 4.38 15.23 10.16
C VAL A 115 4.13 16.39 9.22
N SER A 116 3.17 17.23 9.58
CA SER A 116 2.75 18.33 8.71
C SER A 116 2.12 19.47 9.48
N SER A 117 2.25 20.68 8.95
CA SER A 117 1.66 21.88 9.55
C SER A 117 0.25 22.08 9.02
N ALA A 118 -0.10 21.31 7.99
CA ALA A 118 -1.41 21.41 7.36
C ALA A 118 -2.50 20.86 8.28
N LYS A 119 -3.73 21.31 8.04
CA LYS A 119 -4.87 20.97 8.88
C LYS A 119 -5.54 19.67 8.47
N THR A 120 -6.08 18.95 9.47
CA THR A 120 -6.89 17.79 9.21
C THR A 120 -8.13 18.22 8.41
N THR A 121 -8.38 17.54 7.30
CA THR A 121 -9.52 17.84 6.45
C THR A 121 -10.22 16.52 6.13
N PRO A 122 -11.54 16.46 6.36
CA PRO A 122 -12.30 15.23 6.04
C PRO A 122 -12.50 15.08 4.52
N PRO A 123 -12.78 13.85 4.06
CA PRO A 123 -12.98 13.60 2.63
C PRO A 123 -14.34 14.07 2.14
N SER A 124 -14.39 14.52 0.89
CA SER A 124 -15.65 14.66 0.18
C SER A 124 -15.78 13.37 -0.63
N VAL A 125 -16.98 12.79 -0.65
CA VAL A 125 -17.16 11.50 -1.32
C VAL A 125 -18.20 11.66 -2.39
N TYR A 126 -17.81 11.41 -3.64
CA TYR A 126 -18.70 11.67 -4.76
C TYR A 126 -19.05 10.39 -5.50
N PRO A 127 -20.32 10.25 -5.91
CA PRO A 127 -20.74 9.06 -6.64
C PRO A 127 -20.21 9.03 -8.07
N LEU A 128 -19.88 7.85 -8.55
CA LEU A 128 -19.53 7.65 -9.95
C LEU A 128 -20.55 6.66 -10.49
N ALA A 129 -21.47 7.15 -11.29
CA ALA A 129 -22.54 6.34 -11.85
C ALA A 129 -22.59 6.56 -13.34
N PRO A 130 -23.03 5.54 -14.10
CA PRO A 130 -23.21 5.80 -15.52
C PRO A 130 -24.29 6.84 -15.71
N GLY A 131 -24.16 7.64 -16.75
CA GLY A 131 -25.18 8.62 -17.05
C GLY A 131 -25.01 9.03 -18.47
N CYS A 132 -25.33 10.30 -18.77
CA CYS A 132 -25.06 10.89 -20.08
C CYS A 132 -25.70 10.11 -21.23
N GLY A 133 -26.83 9.46 -20.94
CA GLY A 133 -27.52 8.68 -21.95
C GLY A 133 -26.73 7.51 -22.52
N ASP A 134 -25.82 6.97 -21.73
CA ASP A 134 -25.12 5.75 -22.12
C ASP A 134 -26.09 4.58 -22.02
N THR A 135 -25.90 3.57 -22.86
CA THR A 135 -26.67 2.34 -22.69
C THR A 135 -26.05 1.53 -21.57
N THR A 136 -26.70 0.42 -21.20
CA THR A 136 -26.14 -0.45 -20.18
C THR A 136 -26.22 -1.92 -20.61
N GLY A 137 -25.17 -2.68 -20.30
CA GLY A 137 -25.11 -4.09 -20.67
C GLY A 137 -25.50 -4.99 -19.50
N SER A 138 -24.89 -6.17 -19.43
CA SER A 138 -25.26 -7.15 -18.40
C SER A 138 -24.70 -6.78 -17.02
N SER A 139 -23.65 -5.97 -16.98
CA SER A 139 -23.09 -5.53 -15.71
C SER A 139 -22.99 -4.01 -15.69
N VAL A 140 -22.81 -3.44 -14.51
CA VAL A 140 -22.64 -2.00 -14.38
C VAL A 140 -21.49 -1.75 -13.43
N THR A 141 -20.61 -0.84 -13.81
CA THR A 141 -19.50 -0.46 -12.93
C THR A 141 -19.85 0.86 -12.27
N LEU A 142 -19.75 0.88 -10.94
CA LEU A 142 -20.07 2.05 -10.16
C LEU A 142 -18.82 2.42 -9.38
N GLY A 143 -18.78 3.62 -8.82
CA GLY A 143 -17.63 3.95 -8.00
C GLY A 143 -17.83 5.12 -7.08
N CYS A 144 -16.81 5.39 -6.28
CA CYS A 144 -16.80 6.58 -5.42
C CYS A 144 -15.47 7.26 -5.56
N LEU A 145 -15.52 8.58 -5.67
CA LEU A 145 -14.35 9.42 -5.79
C LEU A 145 -14.17 10.09 -4.45
N VAL A 146 -13.02 9.90 -3.84
CA VAL A 146 -12.81 10.38 -2.48
C VAL A 146 -11.75 11.47 -2.54
N LYS A 147 -12.20 12.71 -2.30
CA LYS A 147 -11.37 13.86 -2.61
C LYS A 147 -11.20 14.81 -1.44
N GLY A 148 -10.04 15.46 -1.38
CA GLY A 148 -9.87 16.62 -0.54
C GLY A 148 -9.51 16.37 0.93
N TYR A 149 -9.04 15.16 1.23
CA TYR A 149 -8.79 14.82 2.63
C TYR A 149 -7.31 14.88 3.02
N PHE A 150 -7.07 14.99 4.33
CA PHE A 150 -5.71 15.00 4.86
C PHE A 150 -5.78 14.74 6.35
N PRO A 151 -4.84 13.94 6.89
CA PRO A 151 -3.80 13.16 6.22
C PRO A 151 -4.36 11.85 5.71
N GLU A 152 -3.48 10.93 5.29
CA GLU A 152 -3.87 9.56 5.02
C GLU A 152 -4.13 8.91 6.38
N SER A 153 -4.91 7.84 6.44
CA SER A 153 -5.48 7.16 5.28
C SER A 153 -6.99 7.13 5.36
N VAL A 154 -7.63 6.67 4.29
CA VAL A 154 -9.05 6.31 4.34
C VAL A 154 -9.21 4.83 4.02
N THR A 155 -10.34 4.27 4.44
CA THR A 155 -10.72 2.92 4.06
C THR A 155 -12.09 2.98 3.41
N VAL A 156 -12.21 2.35 2.24
CA VAL A 156 -13.49 2.32 1.54
C VAL A 156 -14.04 0.90 1.53
N THR A 157 -15.31 0.76 1.89
CA THR A 157 -16.00 -0.53 1.80
C THR A 157 -17.31 -0.32 1.05
N TRP A 158 -17.89 -1.41 0.56
CA TRP A 158 -19.14 -1.31 -0.17
C TRP A 158 -20.23 -2.14 0.52
N ASN A 159 -21.39 -1.51 0.71
CA ASN A 159 -22.50 -2.12 1.45
C ASN A 159 -22.06 -2.69 2.80
N SER A 160 -21.29 -1.89 3.54
CA SER A 160 -20.80 -2.26 4.86
C SER A 160 -19.89 -3.50 4.80
N GLY A 161 -19.25 -3.69 3.66
CA GLY A 161 -18.34 -4.79 3.45
C GLY A 161 -18.97 -6.02 2.81
N SER A 162 -20.30 -6.02 2.68
CA SER A 162 -21.00 -7.20 2.16
C SER A 162 -20.84 -7.35 0.64
N LEU A 163 -20.47 -6.25 -0.04
CA LEU A 163 -20.07 -6.33 -1.45
C LEU A 163 -18.55 -6.27 -1.50
N SER A 164 -17.90 -7.33 -1.95
CA SER A 164 -16.44 -7.38 -1.85
C SER A 164 -15.73 -7.97 -3.06
N SER A 165 -16.44 -8.83 -3.79
CA SER A 165 -15.81 -9.66 -4.80
C SER A 165 -15.22 -8.92 -6.00
N SER A 166 -15.92 -7.90 -6.47
CA SER A 166 -15.55 -7.23 -7.71
C SER A 166 -15.14 -5.78 -7.45
N VAL A 167 -14.51 -5.56 -6.31
CA VAL A 167 -14.10 -4.21 -5.88
C VAL A 167 -12.63 -3.96 -6.23
N HIS A 168 -12.35 -2.76 -6.74
CA HIS A 168 -10.97 -2.28 -6.89
C HIS A 168 -10.80 -1.00 -6.08
N THR A 169 -9.73 -0.93 -5.30
CA THR A 169 -9.42 0.27 -4.52
C THR A 169 -8.12 0.86 -5.05
N PHE A 170 -8.16 2.12 -5.47
CA PHE A 170 -6.99 2.73 -6.09
C PHE A 170 -6.20 3.54 -5.07
N PRO A 171 -4.88 3.33 -5.01
CA PRO A 171 -4.05 4.06 -4.03
C PRO A 171 -4.15 5.59 -4.13
N ALA A 172 -4.12 6.27 -2.98
CA ALA A 172 -4.28 7.71 -2.89
C ALA A 172 -3.11 8.45 -3.54
N LEU A 173 -3.41 9.61 -4.12
CA LEU A 173 -2.38 10.49 -4.65
C LEU A 173 -2.53 11.88 -4.06
N LEU A 174 -1.39 12.48 -3.71
CA LEU A 174 -1.38 13.81 -3.13
C LEU A 174 -1.37 14.84 -4.26
N GLU A 175 -2.31 15.79 -4.22
CA GLU A 175 -2.36 16.87 -5.20
C GLU A 175 -2.87 18.14 -4.54
N SER A 176 -2.09 19.22 -4.67
CA SER A 176 -2.39 20.49 -4.01
C SER A 176 -2.52 20.36 -2.49
N GLY A 177 -1.72 19.47 -1.91
CA GLY A 177 -1.69 19.31 -0.46
C GLY A 177 -2.82 18.46 0.10
N LEU A 178 -3.67 17.94 -0.78
CA LEU A 178 -4.78 17.07 -0.34
C LEU A 178 -4.78 15.75 -1.09
N TYR A 179 -5.32 14.71 -0.45
CA TYR A 179 -5.33 13.39 -1.07
C TYR A 179 -6.60 13.14 -1.87
N THR A 180 -6.44 12.33 -2.92
CA THR A 180 -7.55 11.83 -3.69
C THR A 180 -7.36 10.35 -3.92
N MET A 181 -8.43 9.58 -3.74
CA MET A 181 -8.42 8.17 -4.13
C MET A 181 -9.80 7.83 -4.69
N SER A 182 -9.93 6.63 -5.23
CA SER A 182 -11.22 6.15 -5.73
C SER A 182 -11.36 4.65 -5.55
N SER A 183 -12.59 4.17 -5.70
CA SER A 183 -12.87 2.75 -5.58
C SER A 183 -13.96 2.43 -6.57
N SER A 184 -13.86 1.27 -7.22
CA SER A 184 -14.91 0.84 -8.14
C SER A 184 -15.48 -0.52 -7.71
N VAL A 185 -16.73 -0.77 -8.08
CA VAL A 185 -17.37 -2.06 -7.84
C VAL A 185 -18.22 -2.37 -9.07
N THR A 186 -18.32 -3.65 -9.42
CA THR A 186 -19.14 -4.05 -10.55
C THR A 186 -20.23 -5.02 -10.07
N VAL A 187 -21.48 -4.75 -10.44
CA VAL A 187 -22.60 -5.64 -10.10
C VAL A 187 -23.46 -5.92 -11.34
N PRO A 188 -24.23 -7.02 -11.33
CA PRO A 188 -25.09 -7.26 -12.50
C PRO A 188 -26.10 -6.12 -12.64
N SER A 189 -26.36 -5.69 -13.88
CA SER A 189 -27.15 -4.47 -14.10
C SER A 189 -28.62 -4.65 -13.74
N SER A 190 -29.09 -5.89 -13.73
CA SER A 190 -30.46 -6.20 -13.34
C SER A 190 -30.67 -5.93 -11.85
N THR A 191 -29.56 -5.92 -11.11
CA THR A 191 -29.57 -5.75 -9.65
C THR A 191 -29.35 -4.31 -9.16
N TRP A 192 -29.16 -3.38 -10.08
CA TRP A 192 -28.99 -1.99 -9.69
C TRP A 192 -29.78 -1.11 -10.65
N PRO A 193 -30.59 -0.17 -10.11
CA PRO A 193 -30.64 0.21 -8.69
C PRO A 193 -31.61 -0.56 -7.80
N SER A 194 -32.17 -1.68 -8.26
CA SER A 194 -33.12 -2.45 -7.45
C SER A 194 -32.56 -2.88 -6.08
N GLN A 195 -31.29 -3.28 -6.04
CA GLN A 195 -30.63 -3.65 -4.79
C GLN A 195 -29.52 -2.65 -4.52
N THR A 196 -29.69 -1.86 -3.46
CA THR A 196 -28.90 -0.64 -3.28
C THR A 196 -27.40 -0.88 -3.15
N VAL A 197 -26.62 0.12 -3.57
CA VAL A 197 -25.16 0.07 -3.48
C VAL A 197 -24.67 1.37 -2.86
N THR A 198 -23.95 1.23 -1.76
CA THR A 198 -23.50 2.37 -0.98
C THR A 198 -22.03 2.20 -0.66
N CYS A 199 -21.22 3.24 -0.92
CA CYS A 199 -19.82 3.17 -0.49
C CYS A 199 -19.65 3.85 0.86
N SER A 200 -18.88 3.23 1.75
CA SER A 200 -18.63 3.77 3.08
C SER A 200 -17.16 4.14 3.16
N VAL A 201 -16.88 5.40 3.50
CA VAL A 201 -15.51 5.89 3.51
C VAL A 201 -15.18 6.33 4.92
N ALA A 202 -14.22 5.67 5.56
CA ALA A 202 -13.85 6.02 6.94
C ALA A 202 -12.53 6.77 6.93
N HIS A 203 -12.45 7.89 7.67
CA HIS A 203 -11.21 8.68 7.75
C HIS A 203 -10.93 8.94 9.21
N PRO A 204 -10.22 8.02 9.85
CA PRO A 204 -9.94 8.13 11.29
C PRO A 204 -9.42 9.49 11.76
N ALA A 205 -8.53 10.11 10.98
CA ALA A 205 -7.92 11.36 11.42
C ALA A 205 -8.93 12.47 11.68
N SER A 206 -10.03 12.48 10.91
CA SER A 206 -11.08 13.47 11.10
C SER A 206 -12.30 12.88 11.82
N SER A 207 -12.15 11.64 12.29
CA SER A 207 -13.21 10.93 13.02
C SER A 207 -14.50 10.85 12.22
N THR A 208 -14.37 10.79 10.89
CA THR A 208 -15.52 10.89 10.01
C THR A 208 -15.73 9.62 9.18
N THR A 209 -17.01 9.24 9.03
CA THR A 209 -17.38 8.20 8.09
C THR A 209 -18.45 8.77 7.17
N VAL A 210 -18.27 8.60 5.86
CA VAL A 210 -19.28 9.03 4.91
C VAL A 210 -19.83 7.79 4.21
N ASP A 211 -21.15 7.61 4.21
CA ASP A 211 -21.79 6.43 3.60
C ASP A 211 -22.66 6.88 2.44
N LYS A 212 -22.07 6.88 1.23
CA LYS A 212 -22.65 7.51 0.05
C LYS A 212 -23.44 6.54 -0.84
N LYS A 213 -24.75 6.78 -0.99
CA LYS A 213 -25.57 5.85 -1.74
C LYS A 213 -25.53 6.17 -3.24
N LEU A 214 -25.32 5.15 -4.06
CA LEU A 214 -25.24 5.36 -5.50
C LEU A 214 -26.61 5.39 -6.15
N GLU A 215 -26.88 6.47 -6.88
CA GLU A 215 -28.16 6.69 -7.53
C GLU A 215 -28.00 6.84 -9.05
N PRO A 216 -28.95 6.29 -9.82
CA PRO A 216 -29.00 6.43 -11.29
C PRO A 216 -29.50 7.81 -11.73
N ASP B 1 27.99 0.96 8.10
CA ASP B 1 26.64 0.94 7.54
C ASP B 1 26.56 -0.11 6.42
N VAL B 2 25.98 -1.27 6.75
CA VAL B 2 25.94 -2.37 5.81
C VAL B 2 24.79 -2.21 4.81
N VAL B 3 25.14 -2.19 3.52
CA VAL B 3 24.15 -2.05 2.45
C VAL B 3 23.72 -3.42 1.93
N MET B 4 22.41 -3.62 1.80
CA MET B 4 21.87 -4.85 1.24
C MET B 4 21.35 -4.51 -0.15
N THR B 5 21.92 -5.14 -1.16
CA THR B 5 21.57 -4.83 -2.55
C THR B 5 20.82 -6.00 -3.16
N GLN B 6 19.58 -5.77 -3.60
CA GLN B 6 18.77 -6.85 -4.18
C GLN B 6 18.68 -6.75 -5.69
N THR B 7 18.74 -7.91 -6.36
CA THR B 7 18.65 -8.04 -7.82
C THR B 7 17.68 -9.17 -8.13
N PRO B 8 16.74 -8.95 -9.07
CA PRO B 8 16.45 -7.72 -9.81
C PRO B 8 15.43 -6.90 -9.04
N LEU B 9 15.07 -5.72 -9.55
CA LEU B 9 14.06 -4.88 -8.90
C LEU B 9 12.66 -5.47 -9.08
N SER B 10 12.41 -6.02 -10.26
CA SER B 10 11.14 -6.66 -10.55
C SER B 10 11.39 -7.94 -11.31
N LEU B 11 10.67 -9.01 -10.95
CA LEU B 11 10.84 -10.33 -11.55
C LEU B 11 9.51 -10.92 -12.00
N PRO B 12 9.29 -10.99 -13.33
CA PRO B 12 8.08 -11.65 -13.87
C PRO B 12 8.31 -13.14 -14.03
N VAL B 13 7.36 -13.97 -13.55
CA VAL B 13 7.50 -15.42 -13.65
C VAL B 13 6.16 -16.08 -13.99
N SER B 14 6.19 -17.16 -14.76
CA SER B 14 4.98 -17.88 -15.10
C SER B 14 4.58 -18.78 -13.94
N LEU B 15 3.28 -19.05 -13.79
CA LEU B 15 2.84 -19.99 -12.76
C LEU B 15 3.51 -21.35 -12.97
N GLY B 16 4.00 -21.95 -11.88
CA GLY B 16 4.64 -23.25 -11.96
C GLY B 16 6.11 -23.20 -12.30
N ASP B 17 6.61 -22.01 -12.65
CA ASP B 17 8.04 -21.83 -12.91
C ASP B 17 8.75 -21.37 -11.65
N GLN B 18 10.08 -21.32 -11.70
CA GLN B 18 10.87 -20.94 -10.53
C GLN B 18 11.34 -19.49 -10.60
N ALA B 19 11.31 -18.81 -9.46
CA ALA B 19 11.81 -17.44 -9.35
C ALA B 19 13.08 -17.49 -8.51
N SER B 20 14.11 -16.75 -8.92
CA SER B 20 15.34 -16.65 -8.14
C SER B 20 15.67 -15.18 -7.85
N ILE B 21 15.85 -14.86 -6.58
CA ILE B 21 16.07 -13.48 -6.16
C ILE B 21 17.42 -13.40 -5.43
N SER B 22 18.26 -12.45 -5.82
CA SER B 22 19.60 -12.32 -5.25
C SER B 22 19.66 -11.21 -4.19
N CYS B 23 20.42 -11.44 -3.13
CA CYS B 23 20.63 -10.41 -2.14
C CYS B 23 22.11 -10.41 -1.75
N ARG B 24 22.81 -9.29 -1.91
CA ARG B 24 24.21 -9.24 -1.52
C ARG B 24 24.38 -8.24 -0.38
N SER B 25 25.30 -8.53 0.54
CA SER B 25 25.64 -7.58 1.59
C SER B 25 27.01 -6.96 1.34
N SER B 26 27.20 -5.74 1.82
CA SER B 26 28.47 -5.07 1.60
C SER B 26 29.54 -5.49 2.60
N GLN B 27 29.16 -6.28 3.61
CA GLN B 27 30.11 -6.84 4.56
C GLN B 27 29.64 -8.24 4.87
N SER B 28 30.59 -9.11 5.22
CA SER B 28 30.18 -10.48 5.64
C SER B 28 29.11 -10.45 6.72
N LEU B 29 28.09 -11.31 6.59
CA LEU B 29 27.05 -11.39 7.60
C LEU B 29 27.31 -12.50 8.63
N VAL B 30 28.52 -13.08 8.60
CA VAL B 30 28.86 -14.06 9.62
C VAL B 30 29.23 -13.31 10.91
N HIS B 31 28.36 -13.44 11.91
CA HIS B 31 28.56 -12.82 13.23
C HIS B 31 29.74 -13.47 13.95
N SER B 32 30.30 -12.78 14.95
CA SER B 32 31.38 -13.38 15.71
C SER B 32 30.94 -14.67 16.40
N ASN B 33 29.65 -14.77 16.71
CA ASN B 33 29.14 -15.98 17.37
C ASN B 33 28.93 -17.14 16.40
N GLY B 34 29.20 -16.89 15.12
CA GLY B 34 29.15 -17.93 14.12
C GLY B 34 27.89 -17.95 13.30
N ASN B 35 26.84 -17.27 13.77
CA ASN B 35 25.57 -17.26 13.05
C ASN B 35 25.56 -16.23 11.93
N THR B 36 24.75 -16.50 10.90
CA THR B 36 24.54 -15.52 9.83
C THR B 36 23.11 -15.00 9.91
N TYR B 37 22.97 -13.76 10.34
CA TYR B 37 21.63 -13.21 10.55
C TYR B 37 21.10 -12.55 9.28
N LEU B 38 20.79 -13.40 8.30
CA LEU B 38 20.25 -12.95 7.01
C LEU B 38 18.86 -13.57 6.88
N HIS B 39 17.86 -12.74 6.63
CA HIS B 39 16.48 -13.21 6.68
C HIS B 39 15.70 -12.71 5.48
N TRP B 40 14.62 -13.38 5.14
CA TRP B 40 13.78 -12.96 4.03
C TRP B 40 12.34 -12.73 4.49
N TYR B 41 11.75 -11.63 4.03
CA TYR B 41 10.37 -11.29 4.36
C TYR B 41 9.57 -11.10 3.08
N LEU B 42 8.27 -11.36 3.14
CA LEU B 42 7.39 -11.11 2.01
C LEU B 42 6.32 -10.11 2.44
N GLN B 43 6.17 -9.05 1.66
CA GLN B 43 5.07 -8.12 1.89
C GLN B 43 4.07 -8.20 0.73
N LYS B 44 2.90 -8.76 1.00
CA LYS B 44 1.86 -8.88 -0.01
C LYS B 44 1.13 -7.55 -0.09
N PRO B 45 0.47 -7.29 -1.23
CA PRO B 45 -0.28 -6.04 -1.39
C PRO B 45 -1.26 -5.78 -0.25
N GLY B 46 -1.15 -4.62 0.37
CA GLY B 46 -2.09 -4.20 1.40
C GLY B 46 -1.82 -4.84 2.74
N GLN B 47 -0.65 -5.45 2.92
CA GLN B 47 -0.34 -6.18 4.14
C GLN B 47 1.01 -5.78 4.72
N SER B 48 1.23 -6.18 5.97
CA SER B 48 2.51 -6.02 6.63
C SER B 48 3.49 -7.07 6.10
N PRO B 49 4.80 -6.83 6.24
CA PRO B 49 5.76 -7.86 5.91
C PRO B 49 5.49 -9.07 6.80
N ASN B 50 5.79 -10.26 6.30
CA ASN B 50 5.82 -11.40 7.18
C ASN B 50 7.09 -12.20 6.92
N LEU B 51 7.55 -12.89 7.94
CA LEU B 51 8.80 -13.64 7.87
C LEU B 51 8.63 -14.91 7.03
N LEU B 52 9.59 -15.13 6.14
CA LEU B 52 9.57 -16.27 5.24
C LEU B 52 10.67 -17.26 5.63
N ILE B 53 11.90 -16.74 5.63
CA ILE B 53 13.12 -17.51 5.86
C ILE B 53 13.96 -16.75 6.89
N TYR B 54 14.43 -17.43 7.93
CA TYR B 54 15.37 -16.80 8.86
C TYR B 54 16.70 -17.52 8.87
N LYS B 55 17.75 -16.77 9.21
CA LYS B 55 19.11 -17.30 9.28
C LYS B 55 19.45 -18.12 8.04
N VAL B 56 19.41 -17.44 6.91
CA VAL B 56 19.77 -17.97 5.60
C VAL B 56 18.80 -18.97 4.97
N SER B 57 18.45 -20.03 5.69
CA SER B 57 17.82 -21.18 5.05
C SER B 57 16.71 -21.82 5.86
N ASN B 58 16.33 -21.22 6.99
CA ASN B 58 15.31 -21.84 7.83
C ASN B 58 13.93 -21.32 7.50
N ARG B 59 13.02 -22.22 7.12
CA ARG B 59 11.66 -21.81 6.79
C ARG B 59 10.85 -21.54 8.05
N PHE B 60 10.22 -20.38 8.10
CA PHE B 60 9.36 -20.04 9.21
C PHE B 60 8.12 -20.94 9.19
N SER B 61 7.53 -21.13 10.36
CA SER B 61 6.28 -21.89 10.49
C SER B 61 5.25 -21.44 9.47
N GLY B 62 4.70 -22.40 8.73
CA GLY B 62 3.68 -22.11 7.73
C GLY B 62 4.18 -21.89 6.31
N VAL B 63 5.50 -21.74 6.14
CA VAL B 63 6.06 -21.54 4.81
C VAL B 63 6.31 -22.87 4.11
N PRO B 64 5.72 -23.05 2.91
CA PRO B 64 5.84 -24.26 2.08
C PRO B 64 7.29 -24.56 1.72
N ASP B 65 7.62 -25.82 1.45
CA ASP B 65 9.01 -26.17 1.12
C ASP B 65 9.43 -25.62 -0.24
N ARG B 66 8.45 -25.13 -0.99
CA ARG B 66 8.67 -24.40 -2.25
C ARG B 66 9.64 -23.23 -2.10
N PHE B 67 9.66 -22.64 -0.91
CA PHE B 67 10.53 -21.50 -0.64
C PHE B 67 11.84 -21.98 -0.03
N SER B 68 12.96 -21.62 -0.65
CA SER B 68 14.27 -22.13 -0.26
C SER B 68 15.29 -21.00 -0.27
N GLY B 69 16.00 -20.81 0.85
CA GLY B 69 17.02 -19.78 0.92
C GLY B 69 18.39 -20.42 1.01
N SER B 70 19.40 -19.79 0.44
CA SER B 70 20.74 -20.38 0.41
C SER B 70 21.76 -19.25 0.38
N GLY B 71 23.05 -19.59 0.45
CA GLY B 71 24.09 -18.58 0.37
C GLY B 71 24.97 -18.56 1.60
N SER B 72 25.98 -17.68 1.59
CA SER B 72 26.88 -17.55 2.75
C SER B 72 27.67 -16.28 2.57
N GLY B 73 28.20 -15.77 3.68
CA GLY B 73 29.09 -14.61 3.61
C GLY B 73 28.37 -13.34 3.23
N THR B 74 28.50 -12.98 1.94
CA THR B 74 27.89 -11.76 1.42
C THR B 74 26.93 -12.05 0.31
N ASP B 75 26.76 -13.32 -0.08
CA ASP B 75 25.95 -13.64 -1.26
C ASP B 75 24.82 -14.61 -0.94
N PHE B 76 23.57 -14.20 -1.15
CA PHE B 76 22.42 -15.01 -0.73
C PHE B 76 21.36 -15.09 -1.83
N THR B 77 20.60 -16.17 -1.86
CA THR B 77 19.58 -16.36 -2.90
C THR B 77 18.30 -16.90 -2.28
N LEU B 78 17.17 -16.35 -2.68
CA LEU B 78 15.87 -16.94 -2.37
C LEU B 78 15.31 -17.56 -3.63
N LYS B 79 14.94 -18.82 -3.55
CA LYS B 79 14.34 -19.50 -4.70
C LYS B 79 12.92 -19.90 -4.35
N ILE B 80 11.99 -19.57 -5.24
CA ILE B 80 10.61 -19.97 -5.09
C ILE B 80 10.29 -20.90 -6.25
N SER B 81 10.13 -22.18 -5.96
CA SER B 81 9.79 -23.16 -6.98
C SER B 81 8.29 -23.27 -7.13
N ARG B 82 7.84 -23.62 -8.32
CA ARG B 82 6.43 -23.82 -8.64
C ARG B 82 5.57 -22.67 -8.13
N VAL B 83 5.86 -21.48 -8.67
CA VAL B 83 5.21 -20.24 -8.26
C VAL B 83 3.71 -20.31 -8.39
N GLU B 84 3.03 -19.82 -7.36
CA GLU B 84 1.57 -19.67 -7.36
C GLU B 84 1.24 -18.19 -7.30
N ALA B 85 0.06 -17.81 -7.84
CA ALA B 85 -0.34 -16.42 -7.91
C ALA B 85 -0.27 -15.68 -6.58
N GLU B 86 -0.60 -16.38 -5.49
CA GLU B 86 -0.61 -15.76 -4.16
C GLU B 86 0.81 -15.49 -3.63
N ASP B 87 1.83 -15.94 -4.35
CA ASP B 87 3.22 -15.65 -3.97
C ASP B 87 3.63 -14.21 -4.31
N LEU B 88 2.85 -13.53 -5.13
CA LEU B 88 3.21 -12.18 -5.60
C LEU B 88 3.32 -11.16 -4.47
N GLY B 89 4.15 -10.14 -4.68
CA GLY B 89 4.37 -9.10 -3.71
C GLY B 89 5.83 -8.69 -3.69
N VAL B 90 6.25 -8.02 -2.62
CA VAL B 90 7.64 -7.58 -2.52
C VAL B 90 8.40 -8.43 -1.51
N TYR B 91 9.50 -9.03 -1.97
CA TYR B 91 10.39 -9.83 -1.13
C TYR B 91 11.57 -8.98 -0.69
N PHE B 92 11.81 -8.89 0.61
CA PHE B 92 12.90 -8.07 1.16
C PHE B 92 13.86 -9.00 1.86
N CYS B 93 15.16 -8.83 1.65
CA CYS B 93 16.12 -9.44 2.56
C CYS B 93 16.48 -8.44 3.66
N SER B 94 17.03 -8.96 4.75
CA SER B 94 17.36 -8.13 5.88
C SER B 94 18.56 -8.75 6.58
N GLN B 95 19.44 -7.92 7.12
CA GLN B 95 20.49 -8.47 7.97
C GLN B 95 20.44 -7.83 9.34
N SER B 96 20.76 -8.63 10.35
CA SER B 96 20.86 -8.12 11.71
C SER B 96 22.13 -8.60 12.40
N THR B 97 23.12 -8.98 11.61
CA THR B 97 24.46 -9.28 12.15
C THR B 97 25.11 -7.99 12.67
N HIS B 98 24.94 -6.94 11.89
CA HIS B 98 25.42 -5.60 12.22
C HIS B 98 24.22 -4.73 12.50
N VAL B 99 24.41 -3.43 12.73
CA VAL B 99 23.28 -2.50 12.87
C VAL B 99 22.26 -2.83 11.77
N PRO B 100 20.99 -3.10 12.15
CA PRO B 100 20.16 -3.81 11.17
C PRO B 100 19.73 -2.96 9.99
N THR B 101 19.75 -3.58 8.82
CA THR B 101 19.38 -2.93 7.57
C THR B 101 18.62 -3.89 6.66
N PHE B 102 17.89 -3.31 5.73
CA PHE B 102 17.02 -4.05 4.81
C PHE B 102 17.41 -3.78 3.37
N GLY B 103 17.19 -4.77 2.51
CA GLY B 103 17.35 -4.62 1.07
C GLY B 103 16.19 -3.78 0.56
N GLY B 104 16.30 -3.29 -0.68
CA GLY B 104 15.27 -2.41 -1.23
C GLY B 104 14.06 -3.15 -1.79
N GLY B 105 14.14 -4.49 -1.82
CA GLY B 105 13.02 -5.29 -2.27
C GLY B 105 13.04 -5.71 -3.73
N THR B 106 12.41 -6.86 -4.00
CA THR B 106 12.24 -7.37 -5.35
C THR B 106 10.76 -7.68 -5.50
N LYS B 107 10.14 -7.11 -6.54
CA LYS B 107 8.72 -7.33 -6.78
C LYS B 107 8.53 -8.54 -7.68
N LEU B 108 7.85 -9.56 -7.16
CA LEU B 108 7.50 -10.73 -7.95
C LEU B 108 6.21 -10.43 -8.71
N GLU B 109 6.27 -10.54 -10.04
CA GLU B 109 5.09 -10.34 -10.88
C GLU B 109 4.70 -11.67 -11.49
N ILE B 110 3.41 -11.97 -11.48
CA ILE B 110 2.91 -13.20 -12.07
C ILE B 110 2.53 -12.97 -13.54
N LYS B 111 3.11 -13.77 -14.43
CA LYS B 111 2.76 -13.71 -15.85
C LYS B 111 1.40 -14.35 -16.11
N ARG B 112 0.60 -13.68 -16.93
CA ARG B 112 -0.62 -14.28 -17.49
C ARG B 112 -0.72 -13.87 -18.95
N ALA B 113 -1.73 -14.38 -19.65
CA ALA B 113 -1.96 -13.94 -21.02
C ALA B 113 -2.38 -12.47 -21.00
N ASP B 114 -2.04 -11.73 -22.06
CA ASP B 114 -2.47 -10.33 -22.17
C ASP B 114 -3.99 -10.20 -22.10
N ALA B 115 -4.45 -9.22 -21.33
CA ALA B 115 -5.87 -8.98 -21.14
C ALA B 115 -6.15 -7.50 -21.36
N ALA B 116 -7.15 -7.19 -22.18
CA ALA B 116 -7.54 -5.81 -22.47
C ALA B 116 -8.26 -5.18 -21.29
N PRO B 117 -8.05 -3.88 -21.08
CA PRO B 117 -8.78 -3.21 -20.00
C PRO B 117 -10.27 -3.05 -20.34
N THR B 118 -11.10 -3.06 -19.29
CA THR B 118 -12.50 -2.66 -19.42
C THR B 118 -12.56 -1.21 -18.95
N VAL B 119 -12.95 -0.31 -19.86
CA VAL B 119 -12.83 1.11 -19.60
C VAL B 119 -14.19 1.75 -19.32
N SER B 120 -14.29 2.50 -18.21
CA SER B 120 -15.53 3.18 -17.86
C SER B 120 -15.27 4.67 -17.61
N ILE B 121 -16.12 5.52 -18.18
CA ILE B 121 -16.00 6.98 -17.95
C ILE B 121 -17.15 7.55 -17.12
N PHE B 122 -16.84 8.53 -16.27
CA PHE B 122 -17.83 9.15 -15.40
C PHE B 122 -17.68 10.68 -15.40
N PRO B 123 -18.79 11.39 -15.56
CA PRO B 123 -18.81 12.85 -15.48
C PRO B 123 -18.71 13.29 -14.02
N PRO B 124 -18.45 14.58 -13.79
CA PRO B 124 -18.50 15.06 -12.40
C PRO B 124 -19.90 14.89 -11.86
N SER B 125 -20.01 14.61 -10.56
CA SER B 125 -21.31 14.46 -9.92
C SER B 125 -21.92 15.83 -9.67
N SER B 126 -23.25 15.89 -9.55
CA SER B 126 -23.89 17.15 -9.21
C SER B 126 -23.44 17.64 -7.83
N GLU B 127 -23.17 16.71 -6.91
CA GLU B 127 -22.64 17.06 -5.60
C GLU B 127 -21.33 17.85 -5.72
N GLN B 128 -20.40 17.35 -6.53
CA GLN B 128 -19.13 18.04 -6.74
C GLN B 128 -19.32 19.38 -7.43
N LEU B 129 -20.16 19.41 -8.46
CA LEU B 129 -20.40 20.66 -9.17
C LEU B 129 -20.97 21.73 -8.23
N THR B 130 -21.80 21.31 -7.29
CA THR B 130 -22.40 22.21 -6.31
C THR B 130 -21.31 22.97 -5.51
N SER B 131 -20.17 22.31 -5.32
CA SER B 131 -19.06 22.92 -4.58
C SER B 131 -18.01 23.58 -5.48
N GLY B 132 -18.28 23.65 -6.78
CA GLY B 132 -17.38 24.35 -7.69
C GLY B 132 -16.21 23.54 -8.24
N GLY B 133 -16.23 22.24 -8.01
CA GLY B 133 -15.21 21.38 -8.59
C GLY B 133 -15.79 20.55 -9.72
N ALA B 134 -14.93 19.96 -10.54
CA ALA B 134 -15.36 19.06 -11.61
C ALA B 134 -14.28 18.04 -11.98
N SER B 135 -14.40 16.83 -11.45
CA SER B 135 -13.44 15.78 -11.79
C SER B 135 -14.10 14.80 -12.76
N VAL B 136 -13.37 14.40 -13.80
CA VAL B 136 -13.86 13.39 -14.72
C VAL B 136 -13.00 12.16 -14.49
N VAL B 137 -13.62 11.00 -14.41
CA VAL B 137 -12.89 9.81 -13.99
C VAL B 137 -12.97 8.71 -15.05
N CYS B 138 -11.85 8.05 -15.33
CA CYS B 138 -11.90 6.82 -16.12
C CYS B 138 -11.31 5.68 -15.34
N PHE B 139 -12.06 4.59 -15.18
CA PHE B 139 -11.52 3.37 -14.59
C PHE B 139 -11.08 2.45 -15.71
N LEU B 140 -9.88 1.89 -15.57
CA LEU B 140 -9.39 0.89 -16.52
C LEU B 140 -9.18 -0.41 -15.75
N ASN B 141 -10.08 -1.37 -15.94
CA ASN B 141 -10.11 -2.53 -15.05
C ASN B 141 -9.68 -3.86 -15.67
N ASN B 142 -8.95 -4.64 -14.87
CA ASN B 142 -8.59 -6.02 -15.21
C ASN B 142 -7.78 -6.16 -16.51
N PHE B 143 -6.61 -5.52 -16.55
CA PHE B 143 -5.75 -5.61 -17.73
C PHE B 143 -4.36 -6.15 -17.40
N TYR B 144 -3.70 -6.68 -18.43
CA TYR B 144 -2.31 -7.13 -18.31
C TYR B 144 -1.70 -7.05 -19.70
N PRO B 145 -0.45 -6.58 -19.82
CA PRO B 145 0.53 -6.17 -18.79
C PRO B 145 0.19 -4.83 -18.12
N LYS B 146 1.01 -4.44 -17.15
CA LYS B 146 0.75 -3.25 -16.35
C LYS B 146 0.91 -1.94 -17.14
N ASP B 147 1.80 -1.96 -18.13
CA ASP B 147 2.09 -0.77 -18.92
C ASP B 147 0.85 -0.35 -19.71
N ILE B 148 0.42 0.88 -19.52
CA ILE B 148 -0.79 1.37 -20.16
C ILE B 148 -0.73 2.89 -20.17
N ASN B 149 -1.28 3.50 -21.22
CA ASN B 149 -1.28 4.95 -21.31
C ASN B 149 -2.69 5.49 -21.45
N VAL B 150 -3.01 6.50 -20.66
CA VAL B 150 -4.31 7.16 -20.78
C VAL B 150 -4.11 8.60 -21.24
N LYS B 151 -4.84 8.98 -22.30
CA LYS B 151 -4.79 10.35 -22.79
C LYS B 151 -6.17 10.99 -22.71
N TRP B 152 -6.28 12.13 -22.03
CA TRP B 152 -7.53 12.87 -21.95
C TRP B 152 -7.62 13.88 -23.09
N LYS B 153 -8.83 14.04 -23.64
CA LYS B 153 -9.11 15.10 -24.60
C LYS B 153 -10.32 15.91 -24.14
N ILE B 154 -10.20 17.23 -24.24
CA ILE B 154 -11.32 18.13 -23.96
C ILE B 154 -11.64 18.86 -25.25
N ASP B 155 -12.86 18.68 -25.77
CA ASP B 155 -13.20 19.19 -27.09
C ASP B 155 -12.13 18.85 -28.13
N GLY B 156 -11.55 17.67 -28.00
CA GLY B 156 -10.58 17.21 -29.00
C GLY B 156 -9.13 17.53 -28.70
N SER B 157 -8.90 18.38 -27.69
CA SER B 157 -7.54 18.79 -27.35
C SER B 157 -6.99 18.01 -26.18
N GLU B 158 -5.75 17.53 -26.31
CA GLU B 158 -5.11 16.85 -25.19
C GLU B 158 -4.96 17.78 -24.00
N ARG B 159 -5.34 17.30 -22.82
CA ARG B 159 -5.10 18.01 -21.57
C ARG B 159 -4.20 17.11 -20.73
N GLN B 160 -2.99 17.57 -20.42
CA GLN B 160 -2.03 16.75 -19.69
C GLN B 160 -1.91 17.15 -18.23
N ASN B 161 -2.01 18.46 -17.97
CA ASN B 161 -2.03 18.96 -16.60
C ASN B 161 -3.34 18.62 -15.89
N GLY B 162 -3.24 18.29 -14.60
CA GLY B 162 -4.41 17.99 -13.80
C GLY B 162 -4.85 16.53 -13.80
N VAL B 163 -4.00 15.65 -14.34
CA VAL B 163 -4.35 14.22 -14.40
C VAL B 163 -3.67 13.39 -13.28
N LEU B 164 -4.48 12.64 -12.54
CA LEU B 164 -3.96 11.75 -11.53
C LEU B 164 -4.19 10.28 -11.94
N ASN B 165 -3.09 9.56 -12.16
CA ASN B 165 -3.14 8.16 -12.53
C ASN B 165 -2.66 7.27 -11.39
N SER B 166 -3.53 6.34 -10.96
CA SER B 166 -3.21 5.44 -9.86
C SER B 166 -3.44 3.97 -10.19
N TRP B 167 -2.38 3.17 -10.16
CA TRP B 167 -2.47 1.74 -10.44
C TRP B 167 -2.68 0.96 -9.13
N THR B 168 -3.47 -0.11 -9.19
CA THR B 168 -3.48 -1.09 -8.11
C THR B 168 -2.21 -1.92 -8.21
N ASP B 169 -1.91 -2.65 -7.14
CA ASP B 169 -0.92 -3.72 -7.24
C ASP B 169 -1.56 -4.87 -8.01
N GLN B 170 -0.78 -5.90 -8.30
CA GLN B 170 -1.30 -7.04 -9.04
C GLN B 170 -2.30 -7.83 -8.18
N ASP B 171 -3.42 -8.23 -8.77
CA ASP B 171 -4.42 -9.04 -8.05
C ASP B 171 -4.11 -10.53 -8.20
N SER B 172 -3.93 -11.24 -7.09
CA SER B 172 -3.60 -12.66 -7.17
C SER B 172 -4.77 -13.49 -7.70
N LYS B 173 -5.96 -12.93 -7.63
CA LYS B 173 -7.15 -13.64 -8.13
C LYS B 173 -7.05 -13.92 -9.63
N ASP B 174 -6.62 -12.94 -10.42
CA ASP B 174 -6.58 -13.11 -11.88
C ASP B 174 -5.29 -12.64 -12.54
N SER B 175 -4.29 -12.27 -11.73
CA SER B 175 -3.01 -11.74 -12.20
C SER B 175 -3.15 -10.46 -13.04
N THR B 176 -4.26 -9.75 -12.90
CA THR B 176 -4.45 -8.50 -13.62
C THR B 176 -4.15 -7.27 -12.77
N TYR B 177 -4.11 -6.13 -13.44
CA TYR B 177 -4.01 -4.82 -12.79
C TYR B 177 -5.24 -4.00 -13.15
N SER B 178 -5.48 -2.96 -12.37
CA SER B 178 -6.45 -1.95 -12.71
C SER B 178 -5.84 -0.59 -12.42
N MET B 179 -6.36 0.45 -13.06
CA MET B 179 -5.89 1.81 -12.77
C MET B 179 -7.04 2.80 -12.90
N SER B 180 -6.96 3.89 -12.16
CA SER B 180 -7.94 4.96 -12.27
C SER B 180 -7.23 6.18 -12.78
N SER B 181 -7.88 6.91 -13.68
CA SER B 181 -7.33 8.14 -14.20
C SER B 181 -8.34 9.25 -13.92
N THR B 182 -7.92 10.28 -13.18
CA THR B 182 -8.83 11.35 -12.80
C THR B 182 -8.36 12.70 -13.32
N LEU B 183 -9.18 13.34 -14.14
CA LEU B 183 -8.89 14.67 -14.65
C LEU B 183 -9.68 15.67 -13.82
N THR B 184 -8.99 16.50 -13.04
CA THR B 184 -9.68 17.49 -12.21
C THR B 184 -9.63 18.90 -12.80
N LEU B 185 -10.80 19.40 -13.16
CA LEU B 185 -10.93 20.76 -13.69
C LEU B 185 -11.65 21.59 -12.65
N THR B 186 -11.67 22.91 -12.85
CA THR B 186 -12.61 23.75 -12.12
C THR B 186 -13.93 23.65 -12.83
N LYS B 187 -15.02 23.87 -12.12
CA LYS B 187 -16.35 23.95 -12.73
C LYS B 187 -16.40 24.97 -13.87
N ASP B 188 -15.73 26.10 -13.68
CA ASP B 188 -15.66 27.15 -14.70
C ASP B 188 -15.14 26.59 -16.03
N GLU B 189 -14.04 25.85 -15.97
CA GLU B 189 -13.49 25.30 -17.22
C GLU B 189 -14.33 24.14 -17.75
N TYR B 190 -14.89 23.35 -16.84
CA TYR B 190 -15.72 22.22 -17.23
C TYR B 190 -16.93 22.68 -18.03
N GLU B 191 -17.58 23.76 -17.58
CA GLU B 191 -18.80 24.22 -18.25
C GLU B 191 -18.58 25.01 -19.54
N ARG B 192 -17.33 25.19 -19.92
CA ARG B 192 -17.02 25.89 -21.16
C ARG B 192 -16.77 24.94 -22.31
N HIS B 193 -16.75 23.66 -22.01
CA HIS B 193 -16.47 22.66 -23.03
C HIS B 193 -17.51 21.56 -23.00
N ASN B 194 -17.59 20.77 -24.07
CA ASN B 194 -18.66 19.78 -24.19
C ASN B 194 -18.18 18.33 -24.21
N SER B 195 -17.12 18.06 -24.97
CA SER B 195 -16.65 16.70 -25.20
C SER B 195 -15.53 16.29 -24.25
N TYR B 196 -15.77 15.24 -23.47
CA TYR B 196 -14.77 14.70 -22.54
C TYR B 196 -14.46 13.26 -22.90
N THR B 197 -13.18 13.00 -23.15
CA THR B 197 -12.77 11.74 -23.73
C THR B 197 -11.55 11.18 -23.01
N CYS B 198 -11.59 9.91 -22.64
CA CYS B 198 -10.35 9.26 -22.20
C CYS B 198 -9.99 8.18 -23.21
N GLU B 199 -8.72 8.13 -23.60
CA GLU B 199 -8.27 7.17 -24.60
C GLU B 199 -7.22 6.25 -23.97
N ALA B 200 -7.41 4.94 -24.08
CA ALA B 200 -6.46 4.01 -23.48
C ALA B 200 -5.64 3.29 -24.54
N THR B 201 -4.31 3.40 -24.44
CA THR B 201 -3.40 2.68 -25.34
C THR B 201 -2.77 1.56 -24.54
N HIS B 202 -2.85 0.32 -25.04
CA HIS B 202 -2.40 -0.82 -24.25
C HIS B 202 -1.62 -1.97 -24.92
N LYS B 203 -1.78 -2.14 -26.24
CA LYS B 203 -1.13 -3.22 -27.01
C LYS B 203 -1.94 -4.52 -27.09
N THR B 204 -2.95 -4.67 -26.23
CA THR B 204 -3.96 -5.68 -26.48
C THR B 204 -4.78 -5.26 -27.70
N SER B 205 -4.67 -3.99 -28.07
CA SER B 205 -5.26 -3.47 -29.30
C SER B 205 -4.29 -2.55 -30.06
N THR B 206 -4.33 -2.62 -31.39
CA THR B 206 -3.55 -1.74 -32.25
C THR B 206 -4.04 -0.30 -32.09
N SER B 207 -5.36 -0.14 -32.05
CA SER B 207 -5.97 1.18 -31.89
C SER B 207 -6.44 1.39 -30.46
N PRO B 208 -6.18 2.59 -29.91
CA PRO B 208 -6.61 2.94 -28.55
C PRO B 208 -8.12 2.77 -28.35
N ILE B 209 -8.51 2.37 -27.14
CA ILE B 209 -9.89 2.31 -26.70
C ILE B 209 -10.30 3.73 -26.35
N VAL B 210 -11.44 4.18 -26.86
CA VAL B 210 -11.93 5.52 -26.51
C VAL B 210 -13.27 5.43 -25.79
N LYS B 211 -13.37 6.06 -24.64
CA LYS B 211 -14.66 6.27 -23.97
C LYS B 211 -14.90 7.76 -23.85
N SER B 212 -16.13 8.20 -24.11
CA SER B 212 -16.41 9.63 -24.20
C SER B 212 -17.80 9.96 -23.70
N PHE B 213 -17.99 11.22 -23.27
CA PHE B 213 -19.34 11.74 -23.07
C PHE B 213 -19.42 13.22 -23.48
N ASN B 214 -20.64 13.69 -23.71
CA ASN B 214 -20.91 15.09 -23.97
C ASN B 214 -21.62 15.71 -22.77
N ARG B 215 -21.10 16.83 -22.27
CA ARG B 215 -21.59 17.43 -21.03
C ARG B 215 -23.08 17.77 -21.08
N ASN B 216 -23.56 18.20 -22.24
CA ASN B 216 -24.96 18.61 -22.38
C ASN B 216 -25.96 17.45 -22.39
N GLU B 217 -25.46 16.22 -22.39
CA GLU B 217 -26.31 15.03 -22.43
C GLU B 217 -26.35 14.34 -21.07
N CYS B 218 -25.67 14.94 -20.09
CA CYS B 218 -25.60 14.40 -18.74
C CYS B 218 -26.75 14.89 -17.86
N GLU C 1 22.28 -16.92 22.10
CA GLU C 1 20.88 -16.52 22.20
C GLU C 1 20.65 -15.01 22.50
N PRO C 2 21.42 -14.11 21.87
CA PRO C 2 21.33 -12.71 22.31
C PRO C 2 20.12 -11.90 21.82
N GLN C 3 19.34 -12.42 20.87
CA GLN C 3 18.13 -11.74 20.36
C GLN C 3 18.41 -10.52 19.49
N ALA C 4 19.33 -9.66 19.91
CA ALA C 4 19.85 -8.60 19.04
C ALA C 4 21.37 -8.71 18.92
N PRO C 5 21.86 -9.67 18.10
CA PRO C 5 23.27 -10.01 17.95
C PRO C 5 24.20 -8.83 17.66
N TRP C 6 23.76 -7.85 16.87
CA TRP C 6 24.61 -6.69 16.57
C TRP C 6 24.95 -5.89 17.82
N MET C 7 24.11 -5.99 18.85
CA MET C 7 24.40 -5.37 20.14
C MET C 7 25.54 -6.12 20.85
N GLU C 8 26.21 -7.00 20.09
CA GLU C 8 27.49 -7.58 20.45
C GLU C 8 28.37 -7.61 19.20
C1 EDO D . 20.52 -15.53 18.21
O1 EDO D . 21.51 -14.51 18.07
C2 EDO D . 21.19 -16.88 18.49
O2 EDO D . 20.22 -17.93 18.33
#